data_8AKD
#
_entry.id   8AKD
#
_cell.length_a   91.057
_cell.length_b   91.057
_cell.length_c   143.302
_cell.angle_alpha   90.000
_cell.angle_beta   90.000
_cell.angle_gamma   120.000
#
_symmetry.space_group_name_H-M   'P 63'
#
loop_
_entity.id
_entity.type
_entity.pdbx_description
1 polymer 'NAD-dependent protein deacetylase sirtuin-6'
2 non-polymer '[(2R,3S,4R,5R)-5-(6-AMINOPURIN-9-YL)-3,4-DIHYDROXY-OXOLAN-2-YL]METHYL [HYDROXY-[[(2R,3S,4R,5S)-3,4,5-TRIHYDROXYOXOLAN-2-YL]METHOXY]PHOSPHORYL] HYDROGEN PHOSPHATE'
3 non-polymer 'ZINC ION'
4 non-polymer 4-METHYL-HISTIDINE
5 non-polymer DI(HYDROXYETHYL)ETHER
6 non-polymer 'SULFATE ION'
7 water water
#
_entity_poly.entity_id   1
_entity_poly.type   'polypeptide(L)'
_entity_poly.pdbx_seq_one_letter_code
;GIDPFTADKGKCGLPEIFDPPEELERKVWELARLVWQSSSVVFHTGAGISTASGIPDFRGPHGVWTMEERGLAPKFDTTF
ESARPTQTHMALVQLERVGLLRFLVSQNVDGLHVRSGFPRDKLAELHGNMFVEECAKCKTQYVRDTVVGTMGLKATGRLC
TVAKARGLRACRGELRDTILDWEDSLPDRDLALADEASRNADLSITLGTSLQIRPSGNLPLATKRRGGRLVIVNLQPTKH
DRHADLRIHGYVDEVMTRLMKHLGLEIPAWDGPRVLERALPPLPRPPTPKLEPKEESPTRIN
;
_entity_poly.pdbx_strand_id   A,B
#
# COMPACT_ATOMS: atom_id res chain seq x y z
N PRO A 4 20.13 24.21 2.19
CA PRO A 4 20.12 22.80 2.50
C PRO A 4 19.79 22.53 3.97
N PHE A 5 20.78 22.76 4.83
CA PHE A 5 20.63 22.67 6.30
C PHE A 5 19.62 23.73 6.71
N THR A 6 19.69 24.91 6.09
CA THR A 6 18.89 26.10 6.46
C THR A 6 17.53 26.09 5.75
N ALA A 7 17.37 25.26 4.71
CA ALA A 7 16.15 25.26 3.87
C ALA A 7 14.89 25.23 4.75
N ASP A 8 13.95 26.15 4.52
CA ASP A 8 12.67 26.20 5.28
C ASP A 8 11.83 25.01 4.84
N LYS A 9 11.45 24.17 5.79
CA LYS A 9 10.70 22.93 5.47
C LYS A 9 9.22 23.15 5.79
N GLY A 10 8.80 24.39 6.11
CA GLY A 10 7.37 24.75 6.24
C GLY A 10 6.81 24.26 7.56
N LYS A 11 5.49 24.28 7.71
CA LYS A 11 4.77 23.77 8.91
C LYS A 11 4.74 22.23 8.84
N CYS A 12 5.31 21.57 9.85
CA CYS A 12 5.47 20.08 9.89
C CYS A 12 4.71 19.54 11.10
N GLY A 13 3.99 18.44 10.93
CA GLY A 13 3.38 17.65 12.02
C GLY A 13 2.13 18.29 12.59
N LEU A 14 1.46 19.17 11.82
CA LEU A 14 0.16 19.72 12.23
C LEU A 14 -0.80 18.59 12.49
N PRO A 15 -1.79 18.79 13.39
CA PRO A 15 -2.67 17.70 13.80
C PRO A 15 -3.57 17.29 12.63
N GLU A 16 -3.98 16.02 12.62
CA GLU A 16 -4.81 15.46 11.52
C GLU A 16 -6.26 15.82 11.83
N ILE A 17 -7.05 16.05 10.79
CA ILE A 17 -8.52 16.28 10.88
C ILE A 17 -9.20 15.06 10.23
N PHE A 18 -10.21 14.50 10.90
CA PHE A 18 -11.04 13.39 10.38
C PHE A 18 -12.49 13.88 10.33
N ASP A 19 -13.02 14.13 9.13
CA ASP A 19 -14.47 14.43 8.96
C ASP A 19 -15.25 13.20 9.44
N PRO A 20 -16.32 13.37 10.25
CA PRO A 20 -17.16 12.25 10.66
C PRO A 20 -17.77 11.56 9.44
N PRO A 21 -18.23 10.30 9.58
CA PRO A 21 -18.71 9.51 8.44
C PRO A 21 -19.85 10.14 7.63
N GLU A 22 -20.77 10.85 8.30
CA GLU A 22 -21.95 11.44 7.65
C GLU A 22 -21.49 12.62 6.79
N GLU A 23 -20.64 13.48 7.35
CA GLU A 23 -20.09 14.68 6.66
C GLU A 23 -19.19 14.24 5.51
N LEU A 24 -18.40 13.19 5.72
CA LEU A 24 -17.46 12.65 4.70
C LEU A 24 -18.26 12.19 3.48
N GLU A 25 -19.32 11.40 3.68
CA GLU A 25 -20.14 10.90 2.53
C GLU A 25 -20.83 12.08 1.81
N ARG A 26 -21.37 13.04 2.54
CA ARG A 26 -22.01 14.25 1.94
C ARG A 26 -20.98 14.98 1.07
N LYS A 27 -19.75 15.16 1.57
CA LYS A 27 -18.69 15.92 0.84
C LYS A 27 -18.25 15.15 -0.41
N VAL A 28 -18.21 13.81 -0.38
CA VAL A 28 -17.70 13.03 -1.55
C VAL A 28 -18.79 13.01 -2.62
N TRP A 29 -20.05 13.08 -2.19
CA TRP A 29 -21.22 13.21 -3.10
C TRP A 29 -21.18 14.61 -3.74
N GLU A 30 -20.75 15.63 -3.00
CA GLU A 30 -20.56 17.01 -3.51
C GLU A 30 -19.39 17.06 -4.50
N LEU A 31 -18.28 16.38 -4.20
CA LEU A 31 -17.14 16.20 -5.15
C LEU A 31 -17.65 15.49 -6.40
N ALA A 32 -18.44 14.40 -6.29
CA ALA A 32 -19.03 13.74 -7.48
C ALA A 32 -19.83 14.76 -8.31
N ARG A 33 -20.69 15.57 -7.65
CA ARG A 33 -21.51 16.64 -8.29
C ARG A 33 -20.56 17.62 -9.01
N LEU A 34 -19.46 18.02 -8.38
CA LEU A 34 -18.48 18.96 -9.02
C LEU A 34 -17.80 18.31 -10.23
N VAL A 35 -17.43 17.03 -10.16
CA VAL A 35 -16.72 16.41 -11.32
C VAL A 35 -17.71 16.32 -12.49
N TRP A 36 -18.98 15.97 -12.21
CA TRP A 36 -20.08 15.83 -13.21
C TRP A 36 -20.26 17.16 -13.95
N GLN A 37 -20.28 18.27 -13.21
CA GLN A 37 -20.57 19.64 -13.72
C GLN A 37 -19.37 20.24 -14.45
N SER A 38 -18.16 19.78 -14.15
CA SER A 38 -16.91 20.45 -14.61
C SER A 38 -16.55 19.94 -16.02
N SER A 39 -16.17 20.86 -16.90
CA SER A 39 -15.70 20.61 -18.29
C SER A 39 -14.25 20.17 -18.27
N SER A 40 -13.39 20.87 -17.51
CA SER A 40 -11.91 20.66 -17.44
C SER A 40 -11.48 20.40 -15.98
N VAL A 41 -11.24 19.14 -15.60
CA VAL A 41 -10.87 18.78 -14.20
C VAL A 41 -9.35 18.53 -14.14
N VAL A 42 -8.64 19.27 -13.28
CA VAL A 42 -7.17 19.11 -13.06
C VAL A 42 -6.92 18.60 -11.64
N PHE A 43 -6.12 17.55 -11.54
CA PHE A 43 -5.75 16.94 -10.25
C PHE A 43 -4.33 17.38 -9.88
N HIS A 44 -4.19 17.69 -8.61
CA HIS A 44 -2.90 18.07 -7.99
C HIS A 44 -2.59 17.04 -6.92
N THR A 45 -1.48 16.33 -7.05
CA THR A 45 -1.09 15.26 -6.10
C THR A 45 0.27 15.58 -5.44
N GLY A 46 0.36 15.20 -4.18
CA GLY A 46 1.58 15.24 -3.38
C GLY A 46 1.71 13.96 -2.58
N ALA A 47 2.63 13.98 -1.62
CA ALA A 47 3.19 12.77 -1.00
C ALA A 47 2.09 11.97 -0.29
N GLY A 48 1.01 12.61 0.15
CA GLY A 48 -0.09 11.92 0.89
C GLY A 48 -0.74 10.82 0.07
N ILE A 49 -0.71 10.90 -1.26
CA ILE A 49 -1.28 9.82 -2.13
C ILE A 49 -0.37 8.57 -2.19
N SER A 50 0.79 8.51 -1.51
CA SER A 50 1.74 7.37 -1.58
C SER A 50 1.99 6.71 -0.22
N THR A 51 1.37 7.30 0.80
CA THR A 51 1.58 6.91 2.22
C THR A 51 0.98 5.51 2.38
N ALA A 52 -0.04 5.15 1.62
CA ALA A 52 -0.73 3.83 1.75
C ALA A 52 -0.01 2.73 0.97
N SER A 53 1.03 3.04 0.19
CA SER A 53 1.99 2.07 -0.39
C SER A 53 3.34 1.97 0.36
N GLY A 54 3.42 2.58 1.57
CA GLY A 54 4.57 2.48 2.50
C GLY A 54 5.57 3.63 2.36
N ILE A 55 5.29 4.60 1.49
CA ILE A 55 6.21 5.75 1.28
C ILE A 55 5.78 6.89 2.19
N PRO A 56 6.66 7.33 3.14
CA PRO A 56 6.26 8.33 4.12
C PRO A 56 6.11 9.66 3.36
N ASP A 57 5.23 10.53 3.81
CA ASP A 57 5.17 11.93 3.28
C ASP A 57 6.27 12.78 3.93
N PHE A 58 6.24 14.10 3.76
CA PHE A 58 7.27 15.04 4.28
C PHE A 58 6.81 15.72 5.60
N ARG A 59 5.53 16.11 5.72
CA ARG A 59 5.01 17.02 6.78
C ARG A 59 3.85 16.40 7.59
N GLY A 60 3.47 15.15 7.32
CA GLY A 60 2.50 14.42 8.15
C GLY A 60 3.09 14.09 9.52
N PRO A 61 2.33 13.44 10.44
CA PRO A 61 2.84 13.16 11.78
C PRO A 61 4.17 12.40 11.76
N HIS A 62 4.35 11.45 10.82
CA HIS A 62 5.60 10.66 10.67
C HIS A 62 6.29 11.02 9.35
N GLY A 63 6.07 12.25 8.86
CA GLY A 63 6.75 12.77 7.67
C GLY A 63 8.28 12.80 7.81
N VAL A 64 8.98 12.71 6.67
CA VAL A 64 10.45 12.87 6.53
C VAL A 64 10.91 14.12 7.32
N TRP A 65 10.39 15.31 7.05
CA TRP A 65 10.82 16.55 7.74
C TRP A 65 10.32 16.57 9.18
N THR A 66 9.06 16.18 9.42
CA THR A 66 8.46 16.15 10.79
C THR A 66 9.37 15.32 11.70
N MET A 67 9.69 14.10 11.28
CA MET A 67 10.51 13.12 12.06
C MET A 67 11.91 13.70 12.29
N GLU A 68 12.48 14.36 11.30
CA GLU A 68 13.81 15.01 11.38
C GLU A 68 13.79 16.07 12.48
N GLU A 69 12.73 16.90 12.50
CA GLU A 69 12.48 17.96 13.51
C GLU A 69 12.50 17.37 14.91
N ARG A 70 12.06 16.11 15.08
CA ARG A 70 11.98 15.44 16.40
C ARG A 70 13.21 14.56 16.62
N GLY A 71 14.23 14.68 15.77
CA GLY A 71 15.45 13.84 15.79
C GLY A 71 15.13 12.37 15.55
N LEU A 72 14.04 12.07 14.83
CA LEU A 72 13.67 10.66 14.50
C LEU A 72 13.87 10.44 13.01
N ALA A 73 13.69 9.20 12.55
CA ALA A 73 13.92 8.82 11.13
C ALA A 73 12.57 8.53 10.50
N PRO A 74 12.34 8.92 9.23
CA PRO A 74 11.17 8.46 8.50
C PRO A 74 11.29 6.94 8.34
N LYS A 75 10.16 6.27 8.13
CA LYS A 75 10.10 4.80 7.93
C LYS A 75 9.51 4.52 6.54
N PHE A 76 10.19 3.67 5.76
CA PHE A 76 9.72 3.12 4.48
C PHE A 76 9.27 1.68 4.73
N ASP A 77 8.09 1.32 4.24
CA ASP A 77 7.52 -0.05 4.32
C ASP A 77 7.75 -0.75 2.96
N THR A 78 8.36 -0.03 2.03
CA THR A 78 8.67 -0.48 0.66
C THR A 78 9.98 0.14 0.18
N THR A 79 10.60 -0.44 -0.84
CA THR A 79 11.54 0.29 -1.71
C THR A 79 10.71 1.10 -2.71
N PHE A 80 11.36 2.04 -3.38
CA PHE A 80 10.70 2.77 -4.48
C PHE A 80 10.34 1.80 -5.59
N GLU A 81 11.21 0.79 -5.79
CA GLU A 81 11.09 -0.26 -6.82
C GLU A 81 9.94 -1.21 -6.49
N SER A 82 9.68 -1.55 -5.22
CA SER A 82 8.63 -2.54 -4.87
C SER A 82 7.30 -1.87 -4.50
N ALA A 83 7.23 -0.54 -4.57
CA ALA A 83 6.05 0.27 -4.18
C ALA A 83 4.97 0.03 -5.26
N ARG A 84 3.74 -0.26 -4.86
CA ARG A 84 2.63 -0.44 -5.83
C ARG A 84 1.84 0.87 -5.85
N PRO A 85 1.31 1.30 -7.03
CA PRO A 85 0.35 2.40 -7.06
C PRO A 85 -0.79 2.05 -6.11
N THR A 86 -1.25 3.04 -5.35
CA THR A 86 -2.45 2.99 -4.49
C THR A 86 -3.71 2.92 -5.33
N GLN A 87 -4.84 2.73 -4.64
CA GLN A 87 -6.19 2.79 -5.22
C GLN A 87 -6.39 4.18 -5.84
N THR A 88 -5.82 5.18 -5.19
CA THR A 88 -5.90 6.61 -5.62
C THR A 88 -5.15 6.76 -6.94
N HIS A 89 -3.86 6.37 -7.02
CA HIS A 89 -3.10 6.30 -8.31
C HIS A 89 -3.96 5.61 -9.37
N MET A 90 -4.47 4.37 -9.16
CA MET A 90 -5.22 3.66 -10.21
C MET A 90 -6.55 4.36 -10.54
N ALA A 91 -7.23 5.00 -9.56
CA ALA A 91 -8.45 5.80 -9.81
C ALA A 91 -8.08 6.92 -10.79
N LEU A 92 -6.92 7.54 -10.61
CA LEU A 92 -6.51 8.69 -11.47
C LEU A 92 -6.28 8.23 -12.91
N VAL A 93 -5.76 7.01 -13.08
CA VAL A 93 -5.53 6.34 -14.40
C VAL A 93 -6.90 6.26 -15.09
N GLN A 94 -7.89 5.69 -14.40
CA GLN A 94 -9.23 5.45 -14.97
C GLN A 94 -9.91 6.75 -15.35
N LEU A 95 -9.75 7.80 -14.54
CA LEU A 95 -10.45 9.10 -14.66
C LEU A 95 -9.90 9.78 -15.92
N GLU A 96 -8.61 9.64 -16.13
CA GLU A 96 -8.01 10.13 -17.42
C GLU A 96 -8.56 9.28 -18.56
N ARG A 97 -8.64 7.95 -18.39
CA ARG A 97 -9.02 7.06 -19.51
C ARG A 97 -10.44 7.39 -20.00
N VAL A 98 -11.36 7.69 -19.09
CA VAL A 98 -12.80 7.91 -19.42
C VAL A 98 -13.05 9.39 -19.69
N GLY A 99 -11.99 10.21 -19.66
CA GLY A 99 -12.01 11.63 -20.08
C GLY A 99 -12.52 12.59 -19.00
N LEU A 100 -12.54 12.19 -17.72
CA LEU A 100 -12.96 13.05 -16.59
C LEU A 100 -11.77 13.74 -15.90
N LEU A 101 -10.55 13.43 -16.32
CA LEU A 101 -9.30 14.12 -15.90
C LEU A 101 -8.64 14.74 -17.13
N ARG A 102 -8.53 16.06 -17.15
CA ARG A 102 -7.80 16.80 -18.23
C ARG A 102 -6.28 16.73 -18.05
N PHE A 103 -5.77 16.98 -16.85
CA PHE A 103 -4.33 17.03 -16.57
C PHE A 103 -4.07 16.67 -15.10
N LEU A 104 -2.88 16.16 -14.85
CA LEU A 104 -2.41 15.66 -13.52
C LEU A 104 -1.07 16.33 -13.18
N VAL A 105 -1.09 17.19 -12.15
CA VAL A 105 0.09 17.94 -11.63
C VAL A 105 0.53 17.31 -10.30
N SER A 106 1.72 16.72 -10.30
CA SER A 106 2.35 16.04 -9.15
C SER A 106 3.70 16.62 -8.74
N GLN A 107 3.87 16.68 -7.43
CA GLN A 107 5.07 17.12 -6.69
C GLN A 107 5.87 15.88 -6.34
N ASN A 108 5.33 14.69 -6.61
CA ASN A 108 5.91 13.42 -6.10
C ASN A 108 7.06 13.02 -7.03
N VAL A 109 8.15 12.58 -6.43
CA VAL A 109 9.35 12.06 -7.15
C VAL A 109 9.32 10.54 -7.11
N ASP A 110 8.30 9.96 -6.50
CA ASP A 110 8.26 8.48 -6.29
C ASP A 110 8.05 7.70 -7.62
N GLY A 111 7.80 8.31 -8.81
CA GLY A 111 7.65 7.55 -10.06
C GLY A 111 6.36 6.73 -10.21
N LEU A 112 5.46 6.74 -9.21
CA LEU A 112 4.27 5.85 -9.17
C LEU A 112 3.22 6.25 -10.21
N HIS A 113 3.00 7.53 -10.48
CA HIS A 113 2.09 7.94 -11.59
C HIS A 113 2.53 7.30 -12.92
N VAL A 114 3.81 7.42 -13.34
CA VAL A 114 4.39 6.88 -14.60
C VAL A 114 4.19 5.36 -14.57
N ARG A 115 4.63 4.72 -13.49
CA ARG A 115 4.62 3.24 -13.34
C ARG A 115 3.19 2.69 -13.31
N SER A 116 2.20 3.49 -12.93
CA SER A 116 0.76 3.16 -12.90
C SER A 116 0.19 3.04 -14.32
N GLY A 117 0.88 3.57 -15.33
CA GLY A 117 0.44 3.55 -16.74
C GLY A 117 -0.26 4.83 -17.12
N PHE A 118 -0.07 5.88 -16.31
CA PHE A 118 -0.69 7.21 -16.49
C PHE A 118 0.07 7.89 -17.63
N PRO A 119 -0.63 8.46 -18.63
CA PRO A 119 0.03 8.98 -19.83
C PRO A 119 0.84 10.23 -19.50
N ARG A 120 2.11 10.18 -19.91
CA ARG A 120 3.17 11.16 -19.57
C ARG A 120 2.84 12.52 -20.19
N ASP A 121 2.12 12.56 -21.32
CA ASP A 121 1.71 13.84 -21.95
C ASP A 121 0.53 14.51 -21.23
N LYS A 122 -0.10 13.89 -20.20
CA LYS A 122 -1.10 14.57 -19.33
C LYS A 122 -0.57 14.68 -17.90
N LEU A 123 0.72 14.43 -17.70
CA LEU A 123 1.40 14.50 -16.38
C LEU A 123 2.49 15.57 -16.35
N ALA A 124 2.48 16.44 -15.34
CA ALA A 124 3.61 17.33 -15.01
C ALA A 124 4.25 16.80 -13.71
N GLU A 125 5.50 16.35 -13.77
CA GLU A 125 6.28 15.92 -12.57
C GLU A 125 7.18 17.09 -12.19
N LEU A 126 6.61 18.03 -11.43
CA LEU A 126 7.23 19.35 -11.08
C LEU A 126 8.56 19.17 -10.33
N HIS A 127 8.72 18.12 -9.51
CA HIS A 127 9.90 17.93 -8.62
C HIS A 127 10.81 16.82 -9.18
N GLY A 128 10.46 16.28 -10.33
CA GLY A 128 11.24 15.21 -10.98
C GLY A 128 10.70 13.85 -10.58
N ASN A 129 11.38 12.83 -11.05
CA ASN A 129 11.01 11.40 -11.00
C ASN A 129 12.30 10.65 -10.74
N MET A 130 12.35 9.93 -9.62
CA MET A 130 13.53 9.18 -9.18
C MET A 130 13.94 8.12 -10.22
N PHE A 131 13.03 7.59 -11.06
CA PHE A 131 13.32 6.55 -12.08
C PHE A 131 13.72 7.17 -13.43
N VAL A 132 13.72 8.49 -13.51
CA VAL A 132 13.90 9.22 -14.81
C VAL A 132 15.23 9.97 -14.78
N GLU A 133 16.03 9.75 -15.83
CA GLU A 133 17.31 10.46 -16.12
C GLU A 133 17.15 11.10 -17.50
N GLU A 134 17.88 12.19 -17.72
CA GLU A 134 17.68 13.10 -18.88
C GLU A 134 19.06 13.45 -19.43
N CYS A 135 19.20 13.47 -20.75
CA CYS A 135 20.46 13.82 -21.44
C CYS A 135 20.63 15.34 -21.39
N ALA A 136 21.76 15.83 -20.89
CA ALA A 136 22.05 17.28 -20.85
C ALA A 136 22.13 17.83 -22.29
N LYS A 137 22.66 17.03 -23.22
CA LYS A 137 22.86 17.45 -24.64
C LYS A 137 21.52 17.52 -25.39
N CYS A 138 20.76 16.42 -25.46
CA CYS A 138 19.57 16.34 -26.35
C CYS A 138 18.24 16.34 -25.57
N LYS A 139 18.29 16.39 -24.24
CA LYS A 139 17.10 16.49 -23.35
C LYS A 139 16.23 15.23 -23.47
N THR A 140 16.78 14.12 -23.97
CA THR A 140 15.99 12.87 -24.14
C THR A 140 15.91 12.20 -22.77
N GLN A 141 14.70 11.91 -22.30
CA GLN A 141 14.45 11.28 -20.98
C GLN A 141 14.37 9.76 -21.13
N TYR A 142 14.88 9.05 -20.14
CA TYR A 142 14.86 7.57 -20.04
C TYR A 142 14.08 7.22 -18.76
N VAL A 143 13.08 6.36 -18.87
CA VAL A 143 12.30 5.88 -17.69
C VAL A 143 12.88 4.50 -17.37
N ARG A 144 13.66 4.43 -16.30
CA ARG A 144 14.37 3.21 -15.85
C ARG A 144 13.46 2.40 -14.93
N ASP A 145 13.69 1.09 -14.85
CA ASP A 145 13.00 0.13 -13.94
C ASP A 145 13.56 0.20 -12.51
N THR A 146 14.66 0.90 -12.29
CA THR A 146 15.29 1.07 -10.95
C THR A 146 15.53 2.56 -10.75
N VAL A 147 15.64 3.00 -9.50
CA VAL A 147 15.81 4.46 -9.21
C VAL A 147 17.16 4.85 -9.79
N VAL A 148 17.24 6.02 -10.39
CA VAL A 148 18.51 6.69 -10.80
C VAL A 148 19.26 7.07 -9.51
N GLY A 149 20.53 6.66 -9.38
CA GLY A 149 21.27 6.61 -8.09
C GLY A 149 21.58 7.98 -7.49
N THR A 150 21.27 9.07 -8.19
CA THR A 150 21.67 10.45 -7.80
C THR A 150 20.42 11.32 -7.60
N MET A 151 20.57 12.44 -6.87
CA MET A 151 19.55 13.50 -6.66
C MET A 151 20.25 14.86 -6.78
N GLY A 152 19.59 15.85 -7.39
CA GLY A 152 20.08 17.24 -7.51
C GLY A 152 20.59 17.59 -8.91
N LEU A 153 20.15 16.85 -9.94
CA LEU A 153 20.46 17.06 -11.38
C LEU A 153 21.95 16.79 -11.64
N LYS A 154 22.49 15.76 -10.98
CA LYS A 154 23.91 15.30 -11.08
C LYS A 154 24.07 14.19 -12.14
N ALA A 155 25.29 14.01 -12.63
CA ALA A 155 25.66 12.93 -13.58
C ALA A 155 25.39 11.58 -12.91
N THR A 156 24.66 10.69 -13.60
CA THR A 156 24.31 9.32 -13.12
C THR A 156 25.45 8.35 -13.44
N GLY A 157 26.30 8.68 -14.42
CA GLY A 157 27.41 7.83 -14.88
C GLY A 157 27.06 7.07 -16.15
N ARG A 158 25.81 7.16 -16.61
CA ARG A 158 25.37 6.56 -17.91
C ARG A 158 25.41 7.66 -18.97
N LEU A 159 25.40 7.25 -20.25
CA LEU A 159 25.50 8.15 -21.42
C LEU A 159 24.32 7.89 -22.35
N CYS A 160 23.97 8.90 -23.13
CA CYS A 160 22.82 8.88 -24.07
C CYS A 160 23.09 7.86 -25.19
N THR A 161 22.05 7.18 -25.65
CA THR A 161 22.15 6.10 -26.67
C THR A 161 21.27 6.44 -27.88
N VAL A 162 20.80 7.68 -27.99
CA VAL A 162 19.97 8.12 -29.16
C VAL A 162 20.81 8.03 -30.44
N ALA A 163 20.17 7.65 -31.56
CA ALA A 163 20.80 7.39 -32.87
C ALA A 163 21.59 8.64 -33.33
N CYS A 171 24.72 10.39 -29.56
CA CYS A 171 24.75 11.62 -28.72
C CYS A 171 25.79 11.44 -27.60
N ARG A 172 25.77 10.28 -26.94
CA ARG A 172 26.69 9.93 -25.83
C ARG A 172 26.72 11.07 -24.80
N GLY A 173 25.66 11.86 -24.76
CA GLY A 173 25.49 12.96 -23.79
C GLY A 173 25.35 12.42 -22.38
N GLU A 174 25.75 13.23 -21.40
CA GLU A 174 25.78 12.88 -19.96
C GLU A 174 24.34 12.79 -19.46
N LEU A 175 23.91 11.60 -19.03
CA LEU A 175 22.59 11.39 -18.37
C LEU A 175 22.68 11.93 -16.94
N ARG A 176 21.66 12.73 -16.54
CA ARG A 176 21.53 13.32 -15.20
C ARG A 176 20.16 12.95 -14.62
N ASP A 177 20.06 12.86 -13.29
CA ASP A 177 18.78 12.65 -12.58
C ASP A 177 17.90 13.90 -12.78
N THR A 178 16.60 13.78 -12.50
CA THR A 178 15.57 14.84 -12.67
C THR A 178 15.16 15.42 -11.30
N ILE A 179 15.81 15.01 -10.21
CA ILE A 179 15.40 15.41 -8.82
C ILE A 179 15.92 16.80 -8.47
N LEU A 180 15.05 17.81 -8.51
CA LEU A 180 15.33 19.21 -8.09
C LEU A 180 15.89 19.21 -6.66
N ASP A 181 16.95 19.99 -6.42
CA ASP A 181 17.38 20.39 -5.06
C ASP A 181 16.62 21.67 -4.69
N TRP A 182 16.61 22.06 -3.42
CA TRP A 182 15.81 23.20 -2.89
C TRP A 182 15.92 24.45 -3.80
N GLU A 183 17.12 24.78 -4.26
CA GLU A 183 17.39 26.06 -4.98
C GLU A 183 16.99 25.97 -6.46
N ASP A 184 16.81 24.75 -7.00
CA ASP A 184 16.52 24.51 -8.44
C ASP A 184 15.09 24.96 -8.73
N SER A 185 14.88 25.70 -9.82
CA SER A 185 13.54 26.10 -10.32
C SER A 185 12.90 24.91 -11.05
N LEU A 186 11.57 24.89 -11.14
CA LEU A 186 10.78 23.80 -11.77
C LEU A 186 11.18 23.64 -13.24
N PRO A 187 11.08 22.43 -13.82
CA PRO A 187 11.23 22.25 -15.26
C PRO A 187 10.21 23.10 -16.04
N ASP A 188 10.72 23.93 -16.95
CA ASP A 188 9.94 24.97 -17.69
C ASP A 188 8.76 24.31 -18.40
N ARG A 189 9.01 23.18 -19.08
CA ARG A 189 7.98 22.46 -19.89
C ARG A 189 6.85 21.98 -18.98
N ASP A 190 7.19 21.40 -17.83
CA ASP A 190 6.18 20.79 -16.91
C ASP A 190 5.37 21.90 -16.23
N LEU A 191 6.04 22.96 -15.75
CA LEU A 191 5.41 24.10 -15.03
C LEU A 191 4.50 24.87 -15.99
N ALA A 192 4.99 25.14 -17.20
CA ALA A 192 4.23 25.81 -18.29
C ALA A 192 2.92 25.06 -18.55
N LEU A 193 3.00 23.73 -18.76
CA LEU A 193 1.82 22.89 -19.06
C LEU A 193 0.89 22.81 -17.82
N ALA A 194 1.46 22.63 -16.63
CA ALA A 194 0.73 22.59 -15.34
C ALA A 194 -0.02 23.90 -15.11
N ASP A 195 0.62 25.03 -15.42
CA ASP A 195 0.06 26.40 -15.21
C ASP A 195 -1.12 26.60 -16.18
N GLU A 196 -0.91 26.28 -17.47
CA GLU A 196 -1.92 26.37 -18.54
C GLU A 196 -3.13 25.53 -18.12
N ALA A 197 -2.89 24.28 -17.74
CA ALA A 197 -3.94 23.32 -17.32
C ALA A 197 -4.75 23.86 -16.14
N SER A 198 -4.09 24.44 -15.12
CA SER A 198 -4.72 24.94 -13.87
C SER A 198 -5.56 26.18 -14.18
N ARG A 199 -5.04 27.13 -14.97
CA ARG A 199 -5.72 28.40 -15.36
C ARG A 199 -7.07 28.12 -16.04
N ASN A 200 -7.07 27.18 -17.00
CA ASN A 200 -8.19 26.80 -17.90
C ASN A 200 -9.17 25.87 -17.18
N ALA A 201 -8.75 25.22 -16.10
CA ALA A 201 -9.61 24.27 -15.34
C ALA A 201 -10.80 25.04 -14.73
N ASP A 202 -11.96 24.39 -14.65
CA ASP A 202 -13.13 24.90 -13.88
C ASP A 202 -13.24 24.09 -12.58
N LEU A 203 -12.39 23.07 -12.43
CA LEU A 203 -12.24 22.26 -11.19
C LEU A 203 -10.76 21.84 -11.06
N SER A 204 -10.15 22.20 -9.92
CA SER A 204 -8.82 21.73 -9.46
C SER A 204 -9.10 20.99 -8.16
N ILE A 205 -8.75 19.70 -8.13
CA ILE A 205 -8.87 18.84 -6.93
C ILE A 205 -7.44 18.56 -6.44
N THR A 206 -7.15 18.86 -5.17
CA THR A 206 -5.87 18.53 -4.52
C THR A 206 -6.04 17.24 -3.70
N LEU A 207 -5.04 16.38 -3.75
CA LEU A 207 -4.96 15.08 -3.00
C LEU A 207 -3.59 14.94 -2.31
N GLY A 208 -3.61 14.75 -0.98
CA GLY A 208 -2.44 14.58 -0.10
C GLY A 208 -1.29 15.51 -0.43
N THR A 209 -1.54 16.81 -0.58
CA THR A 209 -0.50 17.86 -0.56
C THR A 209 -0.93 18.93 0.44
N SER A 210 0.02 19.42 1.24
CA SER A 210 -0.16 20.54 2.18
C SER A 210 -0.04 21.89 1.43
N LEU A 211 0.40 21.89 0.16
CA LEU A 211 0.39 23.11 -0.74
C LEU A 211 1.31 24.23 -0.22
N GLN A 212 2.41 23.86 0.42
CA GLN A 212 3.35 24.80 1.12
C GLN A 212 4.52 25.18 0.19
N ILE A 213 4.69 24.53 -0.95
CA ILE A 213 5.86 24.73 -1.87
C ILE A 213 5.39 25.55 -3.07
N ARG A 214 6.03 26.70 -3.32
CA ARG A 214 5.79 27.58 -4.49
C ARG A 214 6.68 27.12 -5.66
N PRO A 215 6.23 27.26 -6.93
CA PRO A 215 4.86 27.63 -7.26
C PRO A 215 3.88 26.44 -7.22
N SER A 216 4.40 25.22 -7.01
CA SER A 216 3.64 23.95 -7.13
C SER A 216 2.29 24.07 -6.39
N GLY A 217 2.34 24.37 -5.09
CA GLY A 217 1.20 24.55 -4.16
C GLY A 217 0.24 25.67 -4.54
N ASN A 218 0.70 26.63 -5.33
CA ASN A 218 -0.11 27.80 -5.76
C ASN A 218 -0.94 27.48 -7.01
N LEU A 219 -0.52 26.53 -7.85
CA LEU A 219 -1.16 26.24 -9.16
C LEU A 219 -2.66 25.97 -8.98
N PRO A 220 -3.13 25.17 -7.98
CA PRO A 220 -4.57 25.04 -7.78
C PRO A 220 -5.30 26.39 -7.65
N LEU A 221 -4.67 27.40 -7.04
CA LEU A 221 -5.33 28.72 -6.81
C LEU A 221 -5.64 29.38 -8.16
N ALA A 222 -4.85 29.11 -9.18
CA ALA A 222 -5.04 29.69 -10.53
C ALA A 222 -6.42 29.33 -11.07
N THR A 223 -6.92 28.14 -10.73
CA THR A 223 -8.25 27.65 -11.18
C THR A 223 -9.32 28.61 -10.63
N LYS A 224 -9.10 29.11 -9.41
CA LYS A 224 -10.09 30.01 -8.73
C LYS A 224 -10.32 31.28 -9.56
N ARG A 225 -9.32 31.78 -10.26
CA ARG A 225 -9.54 32.87 -11.25
C ARG A 225 -10.49 32.35 -12.33
N ARG A 226 -11.46 33.17 -12.74
CA ARG A 226 -12.45 32.87 -13.81
C ARG A 226 -13.54 31.96 -13.27
N GLY A 227 -13.74 31.94 -11.95
CA GLY A 227 -14.90 31.29 -11.32
C GLY A 227 -14.69 29.81 -11.16
N GLY A 228 -13.45 29.35 -11.27
CA GLY A 228 -13.15 27.91 -11.11
C GLY A 228 -13.35 27.47 -9.69
N ARG A 229 -13.57 26.18 -9.47
CA ARG A 229 -13.83 25.61 -8.14
C ARG A 229 -12.57 24.87 -7.65
N LEU A 230 -12.32 24.92 -6.35
CA LEU A 230 -11.15 24.26 -5.73
C LEU A 230 -11.62 23.28 -4.66
N VAL A 231 -11.24 22.02 -4.80
CA VAL A 231 -11.47 20.99 -3.76
C VAL A 231 -10.11 20.58 -3.21
N ILE A 232 -9.99 20.57 -1.89
CA ILE A 232 -8.75 20.15 -1.19
C ILE A 232 -9.08 18.88 -0.38
N VAL A 233 -8.45 17.78 -0.73
CA VAL A 233 -8.53 16.50 0.05
C VAL A 233 -7.18 16.34 0.76
N ASN A 234 -7.19 16.36 2.09
CA ASN A 234 -5.97 16.28 2.92
C ASN A 234 -6.38 15.96 4.35
N LEU A 235 -5.58 15.16 5.03
CA LEU A 235 -5.80 14.88 6.47
C LEU A 235 -5.46 16.12 7.32
N GLN A 236 -4.39 16.82 6.97
CA GLN A 236 -3.89 18.00 7.73
C GLN A 236 -4.44 19.27 7.06
N PRO A 237 -4.37 20.42 7.74
CA PRO A 237 -4.59 21.72 7.08
C PRO A 237 -3.59 21.93 5.94
N THR A 238 -3.95 22.81 5.00
CA THR A 238 -3.09 23.16 3.85
C THR A 238 -2.99 24.68 3.79
N LYS A 239 -1.90 25.15 3.19
CA LYS A 239 -1.67 26.61 3.00
C LYS A 239 -2.99 27.27 2.59
N HIS A 240 -3.73 26.73 1.60
CA HIS A 240 -4.83 27.44 0.89
C HIS A 240 -6.22 26.93 1.28
N ASP A 241 -6.39 26.38 2.49
CA ASP A 241 -7.69 25.88 3.01
C ASP A 241 -8.82 26.91 2.84
N ARG A 242 -8.54 28.20 3.12
CA ARG A 242 -9.58 29.27 3.14
C ARG A 242 -10.09 29.52 1.71
N HIS A 243 -9.36 29.11 0.67
CA HIS A 243 -9.73 29.35 -0.75
C HIS A 243 -10.51 28.16 -1.34
N ALA A 244 -10.71 27.10 -0.57
CA ALA A 244 -11.39 25.87 -1.04
C ALA A 244 -12.91 26.05 -1.01
N ASP A 245 -13.58 25.59 -2.06
CA ASP A 245 -15.06 25.53 -2.05
C ASP A 245 -15.44 24.30 -1.24
N LEU A 246 -14.52 23.33 -1.15
CA LEU A 246 -14.72 22.03 -0.47
C LEU A 246 -13.38 21.54 0.06
N ARG A 247 -13.33 21.19 1.34
CA ARG A 247 -12.18 20.56 2.00
C ARG A 247 -12.72 19.23 2.51
N ILE A 248 -12.08 18.14 2.14
CA ILE A 248 -12.43 16.77 2.63
C ILE A 248 -11.27 16.25 3.48
N HIS A 249 -11.48 16.07 4.78
CA HIS A 249 -10.49 15.53 5.74
C HIS A 249 -10.71 14.02 5.95
N GLY A 250 -9.92 13.20 5.25
CA GLY A 250 -10.11 11.74 5.18
C GLY A 250 -8.97 11.12 4.41
N TYR A 251 -8.83 9.80 4.45
CA TYR A 251 -7.78 9.09 3.68
C TYR A 251 -8.15 9.21 2.19
N VAL A 252 -7.17 9.56 1.35
CA VAL A 252 -7.43 9.80 -0.09
C VAL A 252 -7.98 8.54 -0.74
N ASP A 253 -7.57 7.33 -0.33
CA ASP A 253 -8.12 6.07 -0.91
C ASP A 253 -9.62 5.95 -0.59
N GLU A 254 -10.06 6.31 0.61
CA GLU A 254 -11.49 6.20 1.01
C GLU A 254 -12.25 7.20 0.15
N VAL A 255 -11.69 8.38 -0.02
CA VAL A 255 -12.36 9.46 -0.79
C VAL A 255 -12.51 9.00 -2.23
N MET A 256 -11.42 8.58 -2.86
CA MET A 256 -11.35 8.25 -4.30
C MET A 256 -12.17 6.97 -4.57
N THR A 257 -12.22 5.99 -3.65
CA THR A 257 -13.02 4.77 -3.89
C THR A 257 -14.53 5.10 -3.85
N ARG A 258 -14.98 5.94 -2.91
CA ARG A 258 -16.38 6.41 -2.78
C ARG A 258 -16.72 7.21 -4.03
N LEU A 259 -15.81 8.08 -4.45
CA LEU A 259 -16.04 8.93 -5.64
C LEU A 259 -16.24 8.05 -6.87
N MET A 260 -15.35 7.08 -7.11
CA MET A 260 -15.40 6.20 -8.31
C MET A 260 -16.73 5.44 -8.29
N LYS A 261 -17.16 4.96 -7.13
CA LYS A 261 -18.46 4.29 -6.96
C LYS A 261 -19.60 5.23 -7.39
N HIS A 262 -19.56 6.49 -6.95
CA HIS A 262 -20.57 7.53 -7.29
C HIS A 262 -20.56 7.77 -8.81
N LEU A 263 -19.38 7.80 -9.44
CA LEU A 263 -19.23 8.06 -10.89
C LEU A 263 -19.56 6.80 -11.72
N GLY A 264 -19.77 5.65 -11.07
CA GLY A 264 -20.02 4.36 -11.72
C GLY A 264 -18.81 3.81 -12.47
N LEU A 265 -17.60 4.07 -11.97
CA LEU A 265 -16.30 3.63 -12.58
C LEU A 265 -15.63 2.60 -11.69
N GLU A 266 -15.06 1.56 -12.31
CA GLU A 266 -14.22 0.56 -11.63
C GLU A 266 -12.82 1.16 -11.51
N ILE A 267 -12.10 0.80 -10.46
CA ILE A 267 -10.66 1.14 -10.35
C ILE A 267 -9.89 0.00 -11.00
N PRO A 268 -9.15 0.27 -12.10
CA PRO A 268 -8.50 -0.79 -12.86
C PRO A 268 -7.33 -1.49 -12.16
N ALA A 269 -7.07 -2.71 -12.61
CA ALA A 269 -5.96 -3.58 -12.18
C ALA A 269 -4.65 -2.94 -12.60
N TRP A 270 -3.63 -2.98 -11.74
CA TRP A 270 -2.23 -2.62 -12.09
C TRP A 270 -1.57 -3.88 -12.62
N ASP A 271 -1.00 -3.81 -13.83
CA ASP A 271 -0.38 -4.93 -14.58
C ASP A 271 1.11 -5.05 -14.19
N GLY A 272 1.53 -4.30 -13.16
CA GLY A 272 2.94 -4.05 -12.86
C GLY A 272 3.44 -2.80 -13.61
N PRO A 273 4.73 -2.47 -13.45
CA PRO A 273 5.34 -1.23 -13.95
C PRO A 273 5.25 -1.10 -15.48
N ARG A 274 4.60 -0.06 -15.96
CA ARG A 274 4.34 0.12 -17.40
C ARG A 274 4.39 1.61 -17.69
N VAL A 275 5.02 2.01 -18.78
CA VAL A 275 5.23 3.44 -19.16
C VAL A 275 4.39 3.71 -20.41
N LEU A 276 3.52 4.72 -20.34
CA LEU A 276 2.67 5.17 -21.45
C LEU A 276 3.07 6.61 -21.78
N GLU A 277 3.63 6.86 -22.96
CA GLU A 277 4.03 8.22 -23.39
C GLU A 277 2.78 9.09 -23.65
N ARG A 278 1.80 8.58 -24.39
CA ARG A 278 0.68 9.40 -24.92
C ARG A 278 -0.69 8.82 -24.53
N ALA A 279 -1.56 9.72 -24.08
CA ALA A 279 -2.99 9.51 -23.76
C ALA A 279 -3.72 9.04 -25.03
N LEU A 280 -4.87 8.41 -24.85
CA LEU A 280 -5.73 7.92 -25.95
C LEU A 280 -7.00 8.75 -26.00
N PRO A 281 -7.88 8.57 -27.02
CA PRO A 281 -9.19 9.22 -27.01
C PRO A 281 -9.92 8.60 -25.82
N PRO A 282 -10.87 9.31 -25.22
CA PRO A 282 -11.55 8.80 -24.03
C PRO A 282 -12.28 7.45 -24.25
N LEU A 283 -12.22 6.58 -23.24
CA LEU A 283 -13.07 5.37 -23.27
C LEU A 283 -14.51 5.78 -22.99
N PRO A 284 -15.52 4.92 -23.22
CA PRO A 284 -16.90 5.22 -22.88
C PRO A 284 -16.95 5.45 -21.37
N ARG A 285 -17.87 6.32 -20.93
CA ARG A 285 -18.15 6.49 -19.48
C ARG A 285 -19.67 6.56 -19.25
N PRO A 286 -20.10 6.32 -18.00
CA PRO A 286 -21.52 6.30 -17.70
C PRO A 286 -22.16 7.63 -18.08
N PRO A 287 -23.47 7.66 -18.41
CA PRO A 287 -24.15 8.93 -18.63
C PRO A 287 -24.19 9.67 -17.29
N THR A 288 -24.20 11.00 -17.34
CA THR A 288 -24.28 11.93 -16.17
C THR A 288 -25.66 11.97 -15.50
N PRO A 289 -25.71 12.06 -14.16
CA PRO A 289 -26.96 12.31 -13.45
C PRO A 289 -27.63 13.65 -13.80
N LYS A 290 -28.96 13.68 -13.65
CA LYS A 290 -29.72 14.95 -13.45
C LYS A 290 -29.32 15.49 -12.08
N LEU A 291 -28.85 16.73 -12.01
CA LEU A 291 -28.22 17.27 -10.78
C LEU A 291 -29.17 18.26 -10.09
N GLU A 292 -29.38 19.46 -10.64
CA GLU A 292 -30.10 20.56 -9.95
C GLU A 292 -31.54 20.13 -9.67
N LYS B 9 5.18 -6.95 26.31
CA LYS B 9 5.07 -6.61 24.84
C LYS B 9 6.35 -6.98 24.08
N GLY B 10 7.30 -7.67 24.74
CA GLY B 10 8.49 -8.28 24.11
C GLY B 10 9.52 -7.25 23.69
N LYS B 11 10.49 -7.65 22.86
CA LYS B 11 11.54 -6.77 22.30
C LYS B 11 10.94 -5.89 21.20
N CYS B 12 11.05 -4.56 21.36
CA CYS B 12 10.43 -3.55 20.46
C CYS B 12 11.51 -2.64 19.86
N GLY B 13 11.39 -2.35 18.56
CA GLY B 13 12.21 -1.34 17.85
C GLY B 13 13.65 -1.80 17.64
N LEU B 14 13.89 -3.10 17.50
CA LEU B 14 15.24 -3.65 17.19
C LEU B 14 15.68 -3.13 15.82
N PRO B 15 17.01 -3.02 15.56
CA PRO B 15 17.47 -2.47 14.29
C PRO B 15 17.07 -3.38 13.11
N GLU B 16 16.78 -2.77 11.97
CA GLU B 16 16.41 -3.48 10.72
C GLU B 16 17.68 -4.00 10.05
N ILE B 17 17.59 -5.20 9.47
CA ILE B 17 18.68 -5.82 8.67
C ILE B 17 18.21 -5.81 7.21
N PHE B 18 19.11 -5.42 6.32
CA PHE B 18 18.90 -5.38 4.85
C PHE B 18 19.98 -6.24 4.19
N ASP B 19 19.59 -7.41 3.70
CA ASP B 19 20.50 -8.25 2.88
C ASP B 19 20.88 -7.45 1.64
N PRO B 20 22.19 -7.39 1.27
CA PRO B 20 22.60 -6.78 0.02
C PRO B 20 21.93 -7.41 -1.20
N PRO B 21 21.84 -6.68 -2.33
CA PRO B 21 21.10 -7.14 -3.51
C PRO B 21 21.50 -8.55 -4.00
N GLU B 22 22.80 -8.86 -3.98
CA GLU B 22 23.35 -10.14 -4.50
C GLU B 22 22.91 -11.27 -3.57
N GLU B 23 23.06 -11.06 -2.27
CA GLU B 23 22.70 -12.06 -1.22
C GLU B 23 21.18 -12.29 -1.25
N LEU B 24 20.42 -11.20 -1.36
CA LEU B 24 18.93 -11.23 -1.37
C LEU B 24 18.47 -12.12 -2.53
N GLU B 25 18.97 -11.89 -3.74
CA GLU B 25 18.55 -12.67 -4.94
C GLU B 25 18.95 -14.15 -4.77
N ARG B 26 20.13 -14.44 -4.21
CA ARG B 26 20.61 -15.82 -4.00
C ARG B 26 19.64 -16.53 -3.04
N LYS B 27 19.21 -15.86 -1.97
CA LYS B 27 18.32 -16.44 -0.91
C LYS B 27 16.91 -16.70 -1.46
N VAL B 28 16.41 -15.87 -2.36
CA VAL B 28 15.03 -16.02 -2.90
C VAL B 28 15.03 -17.16 -3.91
N TRP B 29 16.13 -17.32 -4.64
CA TRP B 29 16.36 -18.48 -5.52
C TRP B 29 16.40 -19.74 -4.63
N GLU B 30 17.01 -19.65 -3.45
CA GLU B 30 17.09 -20.78 -2.49
C GLU B 30 15.68 -21.09 -1.93
N LEU B 31 14.89 -20.06 -1.61
CA LEU B 31 13.46 -20.22 -1.23
C LEU B 31 12.68 -20.90 -2.38
N ALA B 32 12.81 -20.42 -3.63
CA ALA B 32 12.17 -21.03 -4.82
C ALA B 32 12.51 -22.53 -4.84
N ARG B 33 13.81 -22.90 -4.71
CA ARG B 33 14.28 -24.31 -4.68
C ARG B 33 13.55 -25.07 -3.56
N LEU B 34 13.46 -24.47 -2.37
CA LEU B 34 12.77 -25.09 -1.19
C LEU B 34 11.28 -25.30 -1.46
N VAL B 35 10.58 -24.33 -2.07
CA VAL B 35 9.13 -24.47 -2.39
C VAL B 35 8.96 -25.60 -3.41
N TRP B 36 9.78 -25.63 -4.46
CA TRP B 36 9.77 -26.68 -5.51
C TRP B 36 9.93 -28.08 -4.90
N GLN B 37 10.83 -28.22 -3.91
CA GLN B 37 11.21 -29.53 -3.29
C GLN B 37 10.20 -29.97 -2.23
N SER B 38 9.48 -29.03 -1.62
CA SER B 38 8.60 -29.30 -0.46
C SER B 38 7.24 -29.81 -0.95
N SER B 39 6.73 -30.88 -0.31
CA SER B 39 5.39 -31.49 -0.55
C SER B 39 4.30 -30.63 0.09
N SER B 40 4.51 -30.20 1.34
CA SER B 40 3.51 -29.52 2.20
C SER B 40 4.12 -28.20 2.73
N VAL B 41 3.77 -27.07 2.13
CA VAL B 41 4.30 -25.72 2.51
C VAL B 41 3.25 -24.97 3.34
N VAL B 42 3.63 -24.54 4.55
CA VAL B 42 2.80 -23.73 5.47
C VAL B 42 3.45 -22.35 5.62
N PHE B 43 2.63 -21.33 5.40
CA PHE B 43 3.00 -19.91 5.56
C PHE B 43 2.43 -19.42 6.89
N HIS B 44 3.29 -18.72 7.60
CA HIS B 44 2.97 -18.03 8.87
C HIS B 44 3.11 -16.53 8.66
N THR B 45 2.06 -15.75 8.85
CA THR B 45 2.13 -14.29 8.62
C THR B 45 1.80 -13.50 9.90
N GLY B 46 2.41 -12.32 9.98
CA GLY B 46 2.24 -11.35 11.05
C GLY B 46 2.15 -9.97 10.43
N ALA B 47 2.24 -8.96 11.28
CA ALA B 47 1.87 -7.56 11.00
C ALA B 47 2.75 -6.97 9.88
N GLY B 48 3.97 -7.50 9.72
CA GLY B 48 4.94 -7.08 8.67
C GLY B 48 4.37 -7.15 7.27
N ILE B 49 3.48 -8.10 6.98
CA ILE B 49 2.89 -8.25 5.61
C ILE B 49 1.80 -7.20 5.33
N SER B 50 1.47 -6.30 6.26
CA SER B 50 0.41 -5.27 6.09
C SER B 50 0.97 -3.84 6.18
N THR B 51 2.27 -3.71 6.45
CA THR B 51 2.90 -2.38 6.67
C THR B 51 2.91 -1.61 5.33
N ALA B 52 3.00 -2.32 4.21
CA ALA B 52 3.02 -1.73 2.84
C ALA B 52 1.61 -1.32 2.37
N SER B 53 0.54 -1.67 3.10
CA SER B 53 -0.82 -1.09 2.88
C SER B 53 -1.20 0.01 3.88
N GLY B 54 -0.21 0.52 4.65
CA GLY B 54 -0.34 1.61 5.62
C GLY B 54 -0.85 1.17 6.98
N ILE B 55 -0.78 -0.12 7.31
CA ILE B 55 -1.14 -0.61 8.68
C ILE B 55 0.15 -0.83 9.46
N PRO B 56 0.41 -0.10 10.58
CA PRO B 56 1.69 -0.20 11.26
C PRO B 56 1.76 -1.59 11.90
N ASP B 57 2.97 -2.12 12.07
CA ASP B 57 3.19 -3.36 12.87
C ASP B 57 3.21 -3.00 14.36
N PHE B 58 3.66 -3.93 15.21
CA PHE B 58 3.64 -3.81 16.69
C PHE B 58 5.05 -3.40 17.16
N ARG B 59 6.12 -4.07 16.68
CA ARG B 59 7.50 -4.04 17.25
C ARG B 59 8.55 -3.51 16.26
N GLY B 60 8.15 -3.08 15.05
CA GLY B 60 9.05 -2.44 14.08
C GLY B 60 9.47 -1.04 14.55
N PRO B 61 10.37 -0.34 13.83
CA PRO B 61 10.83 0.98 14.25
C PRO B 61 9.68 1.93 14.62
N HIS B 62 8.56 1.87 13.88
CA HIS B 62 7.36 2.72 14.11
C HIS B 62 6.16 1.87 14.51
N GLY B 63 6.41 0.65 15.01
CA GLY B 63 5.38 -0.26 15.55
C GLY B 63 4.54 0.35 16.65
N VAL B 64 3.30 -0.12 16.80
CA VAL B 64 2.29 0.29 17.81
C VAL B 64 2.94 0.32 19.21
N TRP B 65 3.56 -0.78 19.65
CA TRP B 65 4.18 -0.90 21.00
C TRP B 65 5.48 -0.07 21.04
N THR B 66 6.33 -0.21 20.02
CA THR B 66 7.62 0.54 19.87
C THR B 66 7.37 2.05 20.02
N MET B 67 6.32 2.58 19.40
CA MET B 67 5.98 4.03 19.44
C MET B 67 5.43 4.37 20.82
N GLU B 68 4.58 3.52 21.38
CA GLU B 68 4.04 3.65 22.78
C GLU B 68 5.20 3.78 23.77
N GLU B 69 6.20 2.88 23.66
CA GLU B 69 7.44 2.84 24.50
C GLU B 69 8.17 4.18 24.47
N ARG B 70 8.11 4.90 23.34
CA ARG B 70 8.75 6.24 23.16
C ARG B 70 7.74 7.36 23.39
N GLY B 71 6.57 7.05 23.98
CA GLY B 71 5.49 8.02 24.20
C GLY B 71 5.04 8.70 22.91
N LEU B 72 5.10 7.97 21.79
CA LEU B 72 4.62 8.45 20.46
C LEU B 72 3.40 7.63 20.07
N ALA B 73 2.72 7.99 18.97
CA ALA B 73 1.51 7.30 18.49
C ALA B 73 1.84 6.52 17.22
N PRO B 74 1.29 5.30 17.03
CA PRO B 74 1.38 4.62 15.74
C PRO B 74 0.59 5.40 14.71
N LYS B 75 1.01 5.30 13.45
CA LYS B 75 0.34 6.02 12.34
C LYS B 75 -0.26 4.98 11.38
N PHE B 76 -1.53 5.17 11.07
CA PHE B 76 -2.30 4.49 10.01
C PHE B 76 -2.34 5.41 8.80
N ASP B 77 -1.98 4.90 7.62
CA ASP B 77 -2.12 5.59 6.31
C ASP B 77 -3.41 5.14 5.61
N THR B 78 -4.19 4.25 6.24
CA THR B 78 -5.49 3.70 5.77
C THR B 78 -6.40 3.48 6.97
N THR B 79 -7.70 3.32 6.74
CA THR B 79 -8.62 2.62 7.67
C THR B 79 -8.50 1.12 7.39
N PHE B 80 -8.99 0.30 8.31
CA PHE B 80 -9.03 -1.16 8.10
C PHE B 80 -9.94 -1.49 6.91
N GLU B 81 -10.96 -0.66 6.70
CA GLU B 81 -11.96 -0.82 5.60
C GLU B 81 -11.36 -0.46 4.23
N SER B 82 -10.57 0.61 4.12
CA SER B 82 -9.98 1.07 2.83
C SER B 82 -8.61 0.43 2.57
N ALA B 83 -8.08 -0.38 3.49
CA ALA B 83 -6.78 -1.06 3.30
C ALA B 83 -6.91 -2.08 2.15
N ARG B 84 -5.95 -2.11 1.24
CA ARG B 84 -5.95 -3.13 0.15
C ARG B 84 -4.98 -4.24 0.52
N PRO B 85 -5.28 -5.53 0.22
CA PRO B 85 -4.25 -6.57 0.32
C PRO B 85 -3.01 -6.14 -0.46
N THR B 86 -1.84 -6.43 0.11
CA THR B 86 -0.51 -6.18 -0.46
C THR B 86 -0.23 -7.18 -1.58
N GLN B 87 0.88 -6.99 -2.27
CA GLN B 87 1.41 -7.92 -3.30
C GLN B 87 1.58 -9.29 -2.64
N THR B 88 2.09 -9.26 -1.41
CA THR B 88 2.34 -10.47 -0.55
C THR B 88 1.02 -11.18 -0.30
N HIS B 89 0.00 -10.54 0.27
CA HIS B 89 -1.38 -11.10 0.39
C HIS B 89 -1.83 -11.77 -0.91
N MET B 90 -1.76 -11.08 -2.05
CA MET B 90 -2.20 -11.64 -3.35
C MET B 90 -1.29 -12.78 -3.83
N ALA B 91 0.03 -12.76 -3.58
CA ALA B 91 0.94 -13.87 -3.94
C ALA B 91 0.44 -15.11 -3.18
N LEU B 92 0.01 -14.92 -1.93
CA LEU B 92 -0.39 -16.06 -1.05
C LEU B 92 -1.67 -16.68 -1.59
N VAL B 93 -2.60 -15.86 -2.13
CA VAL B 93 -3.86 -16.31 -2.78
C VAL B 93 -3.48 -17.25 -3.93
N GLN B 94 -2.63 -16.78 -4.84
CA GLN B 94 -2.20 -17.53 -6.03
C GLN B 94 -1.46 -18.82 -5.66
N LEU B 95 -0.61 -18.79 -4.65
CA LEU B 95 0.24 -19.93 -4.20
C LEU B 95 -0.69 -21.02 -3.67
N GLU B 96 -1.74 -20.62 -2.95
CA GLU B 96 -2.82 -21.60 -2.54
C GLU B 96 -3.55 -22.10 -3.80
N ARG B 97 -3.88 -21.22 -4.73
CA ARG B 97 -4.74 -21.62 -5.88
C ARG B 97 -4.04 -22.66 -6.77
N VAL B 98 -2.72 -22.59 -6.94
CA VAL B 98 -1.93 -23.49 -7.83
C VAL B 98 -1.41 -24.70 -7.04
N GLY B 99 -1.73 -24.79 -5.76
CA GLY B 99 -1.47 -25.97 -4.91
C GLY B 99 -0.10 -25.95 -4.26
N LEU B 100 0.53 -24.78 -4.11
CA LEU B 100 1.92 -24.66 -3.59
C LEU B 100 1.91 -24.13 -2.15
N LEU B 101 0.72 -23.83 -1.61
CA LEU B 101 0.46 -23.46 -0.21
C LEU B 101 -0.58 -24.44 0.36
N ARG B 102 -0.16 -25.24 1.35
CA ARG B 102 -1.03 -26.23 2.07
C ARG B 102 -1.93 -25.49 3.06
N PHE B 103 -1.36 -24.61 3.88
CA PHE B 103 -2.09 -23.90 4.96
C PHE B 103 -1.43 -22.56 5.28
N LEU B 104 -2.23 -21.63 5.79
CA LEU B 104 -1.86 -20.23 6.10
C LEU B 104 -2.25 -19.89 7.53
N VAL B 105 -1.24 -19.68 8.38
CA VAL B 105 -1.38 -19.32 9.82
C VAL B 105 -1.07 -17.84 10.05
N SER B 106 -2.06 -17.04 10.41
CA SER B 106 -1.90 -15.57 10.60
C SER B 106 -2.23 -15.11 12.02
N GLN B 107 -1.41 -14.20 12.52
CA GLN B 107 -1.56 -13.49 13.81
C GLN B 107 -2.32 -12.18 13.57
N ASN B 108 -2.55 -11.82 12.30
CA ASN B 108 -3.10 -10.49 11.94
C ASN B 108 -4.61 -10.51 12.17
N VAL B 109 -5.11 -9.44 12.79
CA VAL B 109 -6.55 -9.16 12.99
C VAL B 109 -7.05 -8.20 11.89
N ASP B 110 -6.18 -7.75 10.99
CA ASP B 110 -6.54 -6.74 9.95
C ASP B 110 -7.59 -7.30 8.97
N GLY B 111 -7.91 -8.60 8.93
CA GLY B 111 -8.95 -9.15 8.03
C GLY B 111 -8.58 -9.15 6.54
N LEU B 112 -7.33 -8.81 6.16
CA LEU B 112 -6.86 -8.71 4.75
C LEU B 112 -6.79 -10.09 4.07
N HIS B 113 -6.34 -11.14 4.75
CA HIS B 113 -6.29 -12.51 4.15
C HIS B 113 -7.69 -12.87 3.62
N VAL B 114 -8.73 -12.81 4.47
CA VAL B 114 -10.16 -13.08 4.13
C VAL B 114 -10.57 -12.17 2.95
N ARG B 115 -10.41 -10.85 3.10
CA ARG B 115 -10.90 -9.87 2.10
C ARG B 115 -10.16 -10.04 0.75
N SER B 116 -8.96 -10.61 0.77
CA SER B 116 -8.12 -10.93 -0.42
C SER B 116 -8.74 -12.09 -1.24
N GLY B 117 -9.70 -12.83 -0.68
CA GLY B 117 -10.36 -13.96 -1.34
C GLY B 117 -9.65 -15.27 -1.01
N PHE B 118 -8.85 -15.28 0.06
CA PHE B 118 -8.08 -16.47 0.51
C PHE B 118 -9.08 -17.41 1.19
N PRO B 119 -9.09 -18.72 0.88
CA PRO B 119 -10.10 -19.65 1.40
C PRO B 119 -9.94 -19.84 2.91
N ARG B 120 -11.02 -19.56 3.62
CA ARG B 120 -11.13 -19.57 5.10
C ARG B 120 -10.76 -20.98 5.62
N ASP B 121 -11.03 -22.05 4.87
CA ASP B 121 -10.74 -23.45 5.31
C ASP B 121 -9.25 -23.79 5.19
N LYS B 122 -8.40 -22.90 4.65
CA LYS B 122 -6.93 -23.10 4.68
C LYS B 122 -6.23 -21.98 5.47
N LEU B 123 -7.00 -21.22 6.24
CA LEU B 123 -6.51 -20.09 7.06
C LEU B 123 -6.81 -20.34 8.55
N ALA B 124 -5.84 -20.13 9.43
CA ALA B 124 -6.06 -19.98 10.88
C ALA B 124 -5.80 -18.52 11.24
N GLU B 125 -6.83 -17.80 11.72
CA GLU B 125 -6.70 -16.43 12.26
C GLU B 125 -6.54 -16.53 13.78
N LEU B 126 -5.30 -16.75 14.24
CA LEU B 126 -5.01 -17.16 15.65
C LEU B 126 -5.47 -16.07 16.64
N HIS B 127 -5.42 -14.79 16.25
CA HIS B 127 -5.68 -13.64 17.16
C HIS B 127 -7.03 -12.99 16.83
N GLY B 128 -7.78 -13.56 15.89
CA GLY B 128 -9.11 -13.09 15.46
C GLY B 128 -9.03 -12.20 14.23
N ASN B 129 -10.17 -11.63 13.88
CA ASN B 129 -10.43 -10.85 12.65
C ASN B 129 -11.39 -9.73 13.04
N MET B 130 -10.96 -8.48 12.84
CA MET B 130 -11.71 -7.28 13.25
C MET B 130 -13.03 -7.23 12.50
N PHE B 131 -13.15 -7.85 11.31
CA PHE B 131 -14.40 -7.83 10.49
C PHE B 131 -15.35 -8.97 10.88
N VAL B 132 -14.94 -9.83 11.81
CA VAL B 132 -15.67 -11.11 12.09
C VAL B 132 -16.25 -11.06 13.51
N GLU B 133 -17.56 -11.27 13.61
CA GLU B 133 -18.26 -11.48 14.90
C GLU B 133 -18.87 -12.88 14.90
N GLU B 134 -18.96 -13.47 16.09
CA GLU B 134 -19.31 -14.89 16.31
C GLU B 134 -20.48 -14.95 17.30
N CYS B 135 -21.49 -15.75 17.00
CA CYS B 135 -22.63 -16.00 17.92
C CYS B 135 -22.14 -16.85 19.09
N ALA B 136 -22.31 -16.37 20.31
CA ALA B 136 -21.95 -17.13 21.53
C ALA B 136 -22.77 -18.43 21.60
N LYS B 137 -24.03 -18.38 21.17
CA LYS B 137 -24.95 -19.56 21.26
C LYS B 137 -24.52 -20.64 20.26
N CYS B 138 -24.46 -20.33 18.96
CA CYS B 138 -24.30 -21.37 17.91
C CYS B 138 -22.92 -21.32 17.25
N LYS B 139 -22.03 -20.40 17.67
CA LYS B 139 -20.64 -20.28 17.16
C LYS B 139 -20.66 -19.97 15.65
N THR B 140 -21.76 -19.42 15.13
CA THR B 140 -21.81 -19.04 13.69
C THR B 140 -21.08 -17.71 13.52
N GLN B 141 -20.13 -17.67 12.59
CA GLN B 141 -19.31 -16.45 12.34
C GLN B 141 -19.89 -15.66 11.17
N TYR B 142 -19.87 -14.34 11.27
CA TYR B 142 -20.34 -13.40 10.23
C TYR B 142 -19.15 -12.56 9.78
N VAL B 143 -18.85 -12.56 8.48
CA VAL B 143 -17.73 -11.73 7.95
C VAL B 143 -18.39 -10.44 7.46
N ARG B 144 -18.19 -9.35 8.21
CA ARG B 144 -18.82 -8.04 7.92
C ARG B 144 -17.92 -7.24 6.98
N ASP B 145 -18.53 -6.31 6.23
CA ASP B 145 -17.88 -5.32 5.33
C ASP B 145 -17.18 -4.19 6.11
N THR B 146 -17.56 -3.97 7.38
CA THR B 146 -16.95 -2.93 8.27
C THR B 146 -16.40 -3.65 9.50
N VAL B 147 -15.47 -3.01 10.23
CA VAL B 147 -14.88 -3.62 11.46
C VAL B 147 -15.98 -3.76 12.50
N VAL B 148 -16.01 -4.87 13.22
CA VAL B 148 -16.85 -5.04 14.44
C VAL B 148 -16.30 -4.08 15.51
N GLY B 149 -17.16 -3.28 16.13
CA GLY B 149 -16.76 -2.07 16.88
C GLY B 149 -16.14 -2.34 18.24
N THR B 150 -15.96 -3.61 18.61
CA THR B 150 -15.46 -4.02 19.95
C THR B 150 -14.18 -4.85 19.79
N MET B 151 -13.41 -4.98 20.88
CA MET B 151 -12.23 -5.88 20.98
C MET B 151 -12.25 -6.54 22.36
N GLY B 152 -11.88 -7.82 22.44
CA GLY B 152 -11.76 -8.57 23.70
C GLY B 152 -12.89 -9.58 23.92
N LEU B 153 -13.56 -9.98 22.84
CA LEU B 153 -14.63 -11.02 22.82
C LEU B 153 -15.88 -10.48 23.54
N LYS B 154 -16.18 -9.18 23.36
CA LYS B 154 -17.32 -8.47 23.99
C LYS B 154 -18.53 -8.48 23.05
N ALA B 155 -19.73 -8.21 23.59
CA ALA B 155 -20.98 -8.11 22.82
C ALA B 155 -20.88 -6.92 21.86
N THR B 156 -21.21 -7.13 20.58
CA THR B 156 -21.15 -6.11 19.50
C THR B 156 -22.46 -5.31 19.49
N GLY B 157 -23.53 -5.89 20.04
CA GLY B 157 -24.87 -5.27 20.10
C GLY B 157 -25.82 -5.84 19.06
N ARG B 158 -25.30 -6.66 18.13
CA ARG B 158 -26.11 -7.35 17.10
C ARG B 158 -26.44 -8.76 17.61
N LEU B 159 -27.48 -9.36 17.05
CA LEU B 159 -27.97 -10.72 17.41
C LEU B 159 -27.92 -11.63 16.19
N CYS B 160 -27.75 -12.93 16.43
CA CYS B 160 -27.68 -14.00 15.40
C CYS B 160 -28.98 -14.03 14.59
N THR B 161 -28.89 -14.39 13.32
CA THR B 161 -30.03 -14.39 12.36
C THR B 161 -30.16 -15.77 11.69
N VAL B 162 -29.46 -16.79 12.21
CA VAL B 162 -29.53 -18.19 11.67
C VAL B 162 -30.96 -18.73 11.86
N ALA B 163 -31.45 -19.50 10.88
CA ALA B 163 -32.83 -20.01 10.80
C ALA B 163 -33.17 -20.80 12.07
N CYS B 171 -32.13 -18.02 16.33
CA CYS B 171 -31.12 -18.24 17.40
C CYS B 171 -31.05 -16.98 18.28
N ARG B 172 -31.01 -15.81 17.62
CA ARG B 172 -30.99 -14.46 18.27
C ARG B 172 -29.91 -14.43 19.35
N GLY B 173 -28.87 -15.27 19.22
CA GLY B 173 -27.72 -15.33 20.13
C GLY B 173 -26.89 -14.06 20.06
N GLU B 174 -26.20 -13.74 21.14
CA GLU B 174 -25.36 -12.52 21.29
C GLU B 174 -24.12 -12.65 20.39
N LEU B 175 -23.99 -11.77 19.37
CA LEU B 175 -22.76 -11.68 18.52
C LEU B 175 -21.68 -10.97 19.33
N ARG B 176 -20.46 -11.51 19.27
CA ARG B 176 -19.26 -10.97 19.96
C ARG B 176 -18.11 -10.90 18.95
N ASP B 177 -17.17 -9.97 19.17
CA ASP B 177 -15.95 -9.84 18.31
C ASP B 177 -15.04 -11.05 18.59
N THR B 178 -14.09 -11.29 17.69
CA THR B 178 -13.15 -12.44 17.69
C THR B 178 -11.75 -11.99 18.16
N ILE B 179 -11.61 -10.74 18.60
CA ILE B 179 -10.28 -10.12 18.94
C ILE B 179 -9.88 -10.53 20.36
N LEU B 180 -8.98 -11.50 20.47
CA LEU B 180 -8.36 -11.96 21.75
C LEU B 180 -7.72 -10.77 22.49
N ASP B 181 -8.00 -10.62 23.79
CA ASP B 181 -7.20 -9.77 24.71
C ASP B 181 -6.00 -10.59 25.20
N TRP B 182 -5.02 -9.94 25.83
CA TRP B 182 -3.72 -10.54 26.24
C TRP B 182 -3.91 -11.90 26.93
N GLU B 183 -4.87 -12.00 27.86
CA GLU B 183 -5.06 -13.18 28.74
C GLU B 183 -5.83 -14.30 28.03
N ASP B 184 -6.52 -14.01 26.92
CA ASP B 184 -7.36 -14.99 26.19
C ASP B 184 -6.44 -16.01 25.48
N SER B 185 -6.77 -17.30 25.57
CA SER B 185 -6.10 -18.39 24.83
C SER B 185 -6.64 -18.42 23.39
N LEU B 186 -5.84 -18.95 22.46
CA LEU B 186 -6.15 -19.01 21.01
C LEU B 186 -7.44 -19.81 20.79
N PRO B 187 -8.22 -19.52 19.72
CA PRO B 187 -9.35 -20.35 19.33
C PRO B 187 -8.91 -21.79 19.06
N ASP B 188 -9.52 -22.75 19.76
CA ASP B 188 -9.14 -24.19 19.76
C ASP B 188 -9.08 -24.72 18.33
N ARG B 189 -10.11 -24.43 17.53
CA ARG B 189 -10.25 -24.95 16.13
C ARG B 189 -9.08 -24.45 15.27
N ASP B 190 -8.79 -23.14 15.33
CA ASP B 190 -7.76 -22.47 14.50
C ASP B 190 -6.37 -22.96 14.91
N LEU B 191 -6.11 -23.05 16.22
CA LEU B 191 -4.78 -23.45 16.78
C LEU B 191 -4.53 -24.92 16.45
N ALA B 192 -5.55 -25.78 16.64
CA ALA B 192 -5.48 -27.22 16.38
C ALA B 192 -5.10 -27.43 14.92
N LEU B 193 -5.80 -26.77 13.99
CA LEU B 193 -5.57 -26.89 12.52
C LEU B 193 -4.20 -26.31 12.14
N ALA B 194 -3.83 -25.16 12.73
CA ALA B 194 -2.51 -24.51 12.54
C ALA B 194 -1.39 -25.45 13.02
N ASP B 195 -1.58 -26.08 14.18
CA ASP B 195 -0.59 -26.99 14.82
C ASP B 195 -0.40 -28.22 13.94
N GLU B 196 -1.51 -28.84 13.51
CA GLU B 196 -1.52 -30.03 12.62
C GLU B 196 -0.77 -29.69 11.33
N ALA B 197 -1.09 -28.54 10.73
CA ALA B 197 -0.48 -28.08 9.45
C ALA B 197 1.02 -27.90 9.64
N SER B 198 1.46 -27.27 10.74
CA SER B 198 2.91 -26.98 11.00
C SER B 198 3.67 -28.30 11.21
N ARG B 199 3.07 -29.24 11.94
CA ARG B 199 3.75 -30.52 12.30
C ARG B 199 4.00 -31.32 11.01
N ASN B 200 3.03 -31.34 10.09
CA ASN B 200 3.05 -32.19 8.88
C ASN B 200 3.80 -31.50 7.74
N ALA B 201 4.04 -30.20 7.85
CA ALA B 201 4.76 -29.41 6.82
C ALA B 201 6.22 -29.87 6.73
N ASP B 202 6.79 -29.91 5.54
CA ASP B 202 8.25 -30.11 5.33
C ASP B 202 8.90 -28.75 5.05
N LEU B 203 8.08 -27.70 4.85
CA LEU B 203 8.55 -26.29 4.73
C LEU B 203 7.56 -25.36 5.46
N SER B 204 8.08 -24.59 6.42
CA SER B 204 7.36 -23.49 7.11
C SER B 204 8.08 -22.20 6.76
N ILE B 205 7.37 -21.26 6.14
CA ILE B 205 7.91 -19.93 5.75
C ILE B 205 7.22 -18.90 6.63
N THR B 206 7.99 -18.10 7.37
CA THR B 206 7.46 -16.95 8.16
C THR B 206 7.68 -15.70 7.29
N LEU B 207 6.71 -14.77 7.35
CA LEU B 207 6.69 -13.44 6.66
C LEU B 207 6.21 -12.37 7.65
N GLY B 208 7.10 -11.42 7.97
CA GLY B 208 6.82 -10.21 8.76
C GLY B 208 6.17 -10.53 10.09
N THR B 209 6.70 -11.54 10.78
CA THR B 209 6.44 -11.79 12.22
C THR B 209 7.79 -11.88 12.95
N SER B 210 7.88 -11.27 14.12
CA SER B 210 9.05 -11.34 15.04
C SER B 210 8.95 -12.61 15.89
N LEU B 211 7.83 -13.34 15.82
CA LEU B 211 7.66 -14.73 16.39
C LEU B 211 7.81 -14.72 17.92
N GLN B 212 7.38 -13.63 18.58
CA GLN B 212 7.60 -13.41 20.03
C GLN B 212 6.36 -13.83 20.84
N ILE B 213 5.24 -14.16 20.21
CA ILE B 213 3.96 -14.50 20.92
C ILE B 213 3.77 -16.02 20.88
N ARG B 214 3.67 -16.65 22.05
CA ARG B 214 3.34 -18.11 22.19
C ARG B 214 1.83 -18.30 22.14
N PRO B 215 1.32 -19.44 21.61
CA PRO B 215 2.10 -20.43 20.89
C PRO B 215 2.32 -20.06 19.42
N SER B 216 1.63 -19.01 18.94
CA SER B 216 1.65 -18.55 17.53
C SER B 216 3.08 -18.64 16.95
N GLY B 217 4.02 -17.90 17.55
CA GLY B 217 5.41 -17.75 17.10
C GLY B 217 6.21 -19.05 17.18
N ASN B 218 5.74 -20.04 17.95
CA ASN B 218 6.42 -21.35 18.12
C ASN B 218 5.99 -22.35 17.03
N LEU B 219 4.78 -22.21 16.47
CA LEU B 219 4.19 -23.18 15.49
C LEU B 219 5.17 -23.44 14.34
N PRO B 220 5.88 -22.43 13.78
CA PRO B 220 6.93 -22.70 12.79
C PRO B 220 8.02 -23.69 13.21
N LEU B 221 8.43 -23.66 14.49
CA LEU B 221 9.45 -24.60 15.04
C LEU B 221 8.95 -26.05 14.91
N ALA B 222 7.64 -26.26 15.02
CA ALA B 222 7.00 -27.59 14.97
C ALA B 222 7.31 -28.29 13.64
N THR B 223 7.60 -27.52 12.57
CA THR B 223 7.96 -28.03 11.23
C THR B 223 9.36 -28.66 11.31
N LYS B 224 10.27 -28.06 12.09
CA LYS B 224 11.67 -28.53 12.15
C LYS B 224 11.72 -29.99 12.64
N ARG B 225 10.80 -30.39 13.51
CA ARG B 225 10.65 -31.81 13.90
C ARG B 225 10.32 -32.61 12.63
N ARG B 226 10.88 -33.80 12.46
CA ARG B 226 10.69 -34.69 11.28
C ARG B 226 11.49 -34.14 10.08
N GLY B 227 12.51 -33.32 10.34
CA GLY B 227 13.45 -32.89 9.30
C GLY B 227 12.91 -31.73 8.48
N GLY B 228 11.82 -31.11 8.93
CA GLY B 228 11.19 -29.97 8.24
C GLY B 228 12.15 -28.80 8.13
N ARG B 229 11.99 -27.99 7.08
CA ARG B 229 12.82 -26.80 6.84
C ARG B 229 12.04 -25.57 7.30
N LEU B 230 12.75 -24.54 7.75
CA LEU B 230 12.14 -23.28 8.24
C LEU B 230 12.82 -22.11 7.54
N VAL B 231 12.04 -21.27 6.87
CA VAL B 231 12.53 -20.00 6.27
C VAL B 231 11.90 -18.86 7.09
N ILE B 232 12.71 -17.88 7.46
CA ILE B 232 12.21 -16.67 8.18
C ILE B 232 12.50 -15.46 7.29
N VAL B 233 11.45 -14.74 6.92
CA VAL B 233 11.55 -13.49 6.10
C VAL B 233 11.06 -12.36 7.01
N ASN B 234 11.98 -11.47 7.39
CA ASN B 234 11.70 -10.40 8.37
C ASN B 234 12.79 -9.34 8.21
N LEU B 235 12.44 -8.08 8.47
CA LEU B 235 13.45 -6.98 8.43
C LEU B 235 14.25 -6.99 9.73
N GLN B 236 13.60 -7.32 10.84
CA GLN B 236 14.21 -7.37 12.19
C GLN B 236 14.58 -8.79 12.53
N PRO B 237 15.43 -8.99 13.57
CA PRO B 237 15.59 -10.29 14.20
C PRO B 237 14.27 -10.83 14.73
N THR B 238 14.18 -12.15 14.81
CA THR B 238 12.99 -12.90 15.31
C THR B 238 13.47 -13.82 16.42
N LYS B 239 12.58 -14.14 17.36
CA LYS B 239 12.86 -15.07 18.49
C LYS B 239 13.67 -16.26 17.97
N HIS B 240 13.28 -16.84 16.83
CA HIS B 240 13.74 -18.20 16.40
C HIS B 240 14.71 -18.14 15.22
N ASP B 241 15.48 -17.04 15.07
CA ASP B 241 16.45 -16.89 13.95
C ASP B 241 17.43 -18.06 13.89
N ARG B 242 17.91 -18.53 15.05
CA ARG B 242 18.98 -19.56 15.12
C ARG B 242 18.46 -20.91 14.61
N HIS B 243 17.14 -21.11 14.58
CA HIS B 243 16.50 -22.38 14.13
C HIS B 243 16.21 -22.36 12.62
N ALA B 244 16.42 -21.23 11.91
CA ALA B 244 16.08 -21.09 10.48
C ALA B 244 17.16 -21.76 9.61
N ASP B 245 16.73 -22.47 8.58
CA ASP B 245 17.61 -22.97 7.49
C ASP B 245 17.96 -21.80 6.57
N LEU B 246 17.09 -20.78 6.53
CA LEU B 246 17.21 -19.60 5.64
C LEU B 246 16.53 -18.39 6.29
N ARG B 247 17.26 -17.30 6.47
CA ARG B 247 16.71 -16.00 6.93
C ARG B 247 16.89 -15.02 5.79
N ILE B 248 15.82 -14.34 5.40
CA ILE B 248 15.84 -13.35 4.30
C ILE B 248 15.45 -12.00 4.92
N HIS B 249 16.41 -11.08 4.99
CA HIS B 249 16.25 -9.71 5.52
C HIS B 249 15.96 -8.79 4.34
N GLY B 250 14.68 -8.47 4.14
CA GLY B 250 14.20 -7.64 3.02
C GLY B 250 12.72 -7.38 3.18
N TYR B 251 12.16 -6.48 2.38
CA TYR B 251 10.69 -6.20 2.36
C TYR B 251 9.97 -7.44 1.82
N VAL B 252 8.93 -7.92 2.50
CA VAL B 252 8.26 -9.18 2.07
C VAL B 252 7.72 -9.04 0.64
N ASP B 253 7.22 -7.87 0.25
CA ASP B 253 6.72 -7.70 -1.14
C ASP B 253 7.84 -7.99 -2.17
N GLU B 254 9.05 -7.47 -1.95
CA GLU B 254 10.20 -7.68 -2.88
C GLU B 254 10.50 -9.18 -2.88
N VAL B 255 10.54 -9.77 -1.70
CA VAL B 255 10.83 -11.23 -1.56
C VAL B 255 9.77 -12.01 -2.37
N MET B 256 8.50 -11.76 -2.12
CA MET B 256 7.38 -12.54 -2.72
C MET B 256 7.25 -12.27 -4.23
N THR B 257 7.44 -11.04 -4.71
CA THR B 257 7.40 -10.72 -6.17
C THR B 257 8.52 -11.49 -6.88
N ARG B 258 9.74 -11.52 -6.32
CA ARG B 258 10.90 -12.20 -6.90
C ARG B 258 10.62 -13.69 -6.90
N LEU B 259 10.07 -14.19 -5.79
CA LEU B 259 9.76 -15.64 -5.66
C LEU B 259 8.72 -16.06 -6.72
N MET B 260 7.63 -15.31 -6.88
CA MET B 260 6.53 -15.62 -7.83
C MET B 260 7.10 -15.63 -9.26
N LYS B 261 8.02 -14.73 -9.57
CA LYS B 261 8.71 -14.67 -10.90
C LYS B 261 9.51 -15.96 -11.12
N HIS B 262 10.24 -16.41 -10.11
CA HIS B 262 11.05 -17.66 -10.15
C HIS B 262 10.10 -18.84 -10.38
N LEU B 263 8.93 -18.85 -9.73
CA LEU B 263 7.97 -19.99 -9.83
C LEU B 263 7.16 -19.90 -11.14
N GLY B 264 7.31 -18.82 -11.90
CA GLY B 264 6.54 -18.54 -13.13
C GLY B 264 5.07 -18.31 -12.88
N LEU B 265 4.70 -17.69 -11.76
CA LEU B 265 3.31 -17.39 -11.37
C LEU B 265 3.10 -15.87 -11.38
N GLU B 266 1.92 -15.47 -11.83
CA GLU B 266 1.47 -14.06 -11.80
C GLU B 266 0.88 -13.79 -10.42
N ILE B 267 0.94 -12.56 -9.97
CA ILE B 267 0.23 -12.11 -8.75
C ILE B 267 -1.14 -11.60 -9.19
N PRO B 268 -2.22 -12.29 -8.79
CA PRO B 268 -3.55 -11.99 -9.32
C PRO B 268 -4.05 -10.61 -8.87
N ALA B 269 -4.95 -10.08 -9.68
CA ALA B 269 -5.71 -8.84 -9.41
C ALA B 269 -6.61 -9.05 -8.18
N TRP B 270 -6.71 -8.04 -7.32
CA TRP B 270 -7.72 -7.98 -6.24
C TRP B 270 -9.00 -7.37 -6.82
N ASP B 271 -10.12 -8.06 -6.69
CA ASP B 271 -11.45 -7.66 -7.24
C ASP B 271 -12.20 -6.76 -6.24
N GLY B 272 -11.53 -6.30 -5.17
CA GLY B 272 -12.18 -5.73 -3.99
C GLY B 272 -12.54 -6.81 -2.98
N PRO B 273 -13.15 -6.42 -1.83
CA PRO B 273 -13.39 -7.34 -0.71
C PRO B 273 -14.32 -8.50 -1.10
N ARG B 274 -13.83 -9.72 -0.94
CA ARG B 274 -14.57 -10.94 -1.33
C ARG B 274 -14.23 -12.04 -0.34
N VAL B 275 -15.23 -12.84 0.02
CA VAL B 275 -15.12 -13.89 1.08
C VAL B 275 -15.31 -15.24 0.40
N LEU B 276 -14.30 -16.10 0.48
CA LEU B 276 -14.30 -17.50 -0.01
C LEU B 276 -14.19 -18.43 1.19
N GLU B 277 -15.23 -19.24 1.42
CA GLU B 277 -15.27 -20.19 2.56
C GLU B 277 -14.36 -21.38 2.28
N ARG B 278 -14.44 -21.97 1.07
CA ARG B 278 -13.75 -23.26 0.78
C ARG B 278 -12.80 -23.14 -0.40
N ALA B 279 -11.59 -23.68 -0.21
CA ALA B 279 -10.55 -23.87 -1.24
C ALA B 279 -11.10 -24.76 -2.36
N LEU B 280 -10.60 -24.55 -3.57
CA LEU B 280 -10.95 -25.34 -4.76
C LEU B 280 -9.81 -26.31 -5.04
N PRO B 281 -10.00 -27.31 -5.94
CA PRO B 281 -8.90 -28.14 -6.39
C PRO B 281 -7.85 -27.23 -7.03
N PRO B 282 -6.57 -27.62 -7.02
CA PRO B 282 -5.52 -26.74 -7.55
C PRO B 282 -5.69 -26.35 -9.03
N LEU B 283 -5.34 -25.11 -9.36
CA LEU B 283 -5.25 -24.67 -10.77
C LEU B 283 -3.98 -25.26 -11.37
N PRO B 284 -3.83 -25.29 -12.72
CA PRO B 284 -2.59 -25.76 -13.32
C PRO B 284 -1.44 -24.86 -12.86
N ARG B 285 -0.26 -25.45 -12.67
CA ARG B 285 0.97 -24.66 -12.38
C ARG B 285 2.08 -25.08 -13.33
N PRO B 286 3.12 -24.23 -13.49
CA PRO B 286 4.21 -24.54 -14.40
C PRO B 286 4.89 -25.85 -14.01
N PRO B 287 5.53 -26.57 -14.96
CA PRO B 287 6.31 -27.74 -14.58
C PRO B 287 7.52 -27.28 -13.74
N THR B 288 8.02 -28.16 -12.88
CA THR B 288 9.11 -27.91 -11.90
C THR B 288 10.47 -28.00 -12.59
N PRO B 289 11.42 -27.13 -12.23
CA PRO B 289 12.81 -27.25 -12.71
C PRO B 289 13.51 -28.55 -12.30
N LYS B 290 14.46 -29.00 -13.11
CA LYS B 290 15.56 -29.89 -12.66
C LYS B 290 16.39 -29.09 -11.66
N LEU B 291 16.59 -29.62 -10.46
CA LEU B 291 17.23 -28.87 -9.35
C LEU B 291 18.64 -29.43 -9.09
N GLU B 292 18.70 -30.69 -8.66
CA GLU B 292 19.93 -31.36 -8.14
C GLU B 292 20.60 -32.13 -9.29
#